data_2E3B
#
_entry.id   2E3B
#
_cell.length_a   73.150
_cell.length_b   73.150
_cell.length_c   114.940
_cell.angle_alpha   90.00
_cell.angle_beta   90.00
_cell.angle_gamma   90.00
#
_symmetry.space_group_name_H-M   'P 42 21 2'
#
loop_
_entity.id
_entity.type
_entity.pdbx_description
1 polymer Peroxidase
2 branched 2-acetamido-2-deoxy-beta-D-glucopyranose-(1-4)-2-acetamido-2-deoxy-beta-D-glucopyranose
3 non-polymer alpha-D-mannopyranose
4 non-polymer 'CALCIUM ION'
5 non-polymer 'PROTOPORPHYRIN IX CONTAINING FE'
6 non-polymer HYDROXYAMINE
7 water water
#
_entity_poly.entity_id   1
_entity_poly.type   'polypeptide(L)'
_entity_poly.pdbx_seq_one_letter_code
;QGPGGGGGSVTCPGGQSTSNSQCCVWFDVLDDLQTNFYQGSKCESPVRKILRIVFHDAIGFSPALTAAGQFGGGGADGSI
IAHSNIELAFPANGGLTDTIEALRAVGINHGVSFGDLIQFATAVGMSNCPGSPRLEFLTGRSNSSQPSPPSLIPGPGNTV
TAILDRMGDAGFSPDEVVDLLAAHSLASQEGLNSAIFRSPLDSTPQVFDTQFYIETLLKGTTQPGPSLGFAEELSPFPGE
FRMRSDALLARDSRTACRWQSMTSSNEVMGQRYRAAMAKMSVLGFDRNALTDCSDVIPSAVSNNAAPVIPGGLTVDDIEV
SCPSEPFPEIATASGPLPSLAPAP
;
_entity_poly.pdbx_strand_id   A
#
# COMPACT_ATOMS: atom_id res chain seq x y z
N SER A 9 -15.19 22.05 15.99
CA SER A 9 -16.16 23.15 15.88
C SER A 9 -17.56 22.58 15.76
N VAL A 10 -17.64 21.58 14.85
CA VAL A 10 -19.01 21.06 14.72
C VAL A 10 -19.18 19.76 15.48
N THR A 11 -20.45 19.61 15.80
CA THR A 11 -20.88 18.40 16.49
C THR A 11 -21.83 17.62 15.62
N CYS A 12 -21.39 16.40 15.30
CA CYS A 12 -22.30 15.55 14.55
C CYS A 12 -23.29 14.97 15.54
N PRO A 13 -24.39 14.54 14.98
CA PRO A 13 -25.36 13.74 15.72
C PRO A 13 -24.76 12.85 16.80
N GLY A 14 -23.76 12.03 16.53
CA GLY A 14 -23.25 11.16 17.58
C GLY A 14 -22.37 11.84 18.61
N GLY A 15 -22.41 13.16 18.72
CA GLY A 15 -21.66 13.91 19.72
C GLY A 15 -20.16 13.83 19.54
N GLN A 16 -19.81 13.35 18.36
CA GLN A 16 -18.57 13.28 17.64
C GLN A 16 -18.20 14.72 17.33
N SER A 17 -17.02 15.16 17.73
CA SER A 17 -16.71 16.55 17.35
C SER A 17 -15.71 16.49 16.20
N THR A 18 -15.84 17.43 15.31
CA THR A 18 -15.15 17.45 14.04
C THR A 18 -15.05 18.87 13.54
N SER A 19 -14.27 18.98 12.49
CA SER A 19 -13.90 20.26 11.93
C SER A 19 -14.96 20.80 10.97
N ASN A 20 -15.76 19.93 10.39
CA ASN A 20 -16.61 20.33 9.29
C ASN A 20 -17.75 19.35 9.17
N SER A 21 -18.93 19.87 8.90
CA SER A 21 -20.05 18.94 8.89
C SER A 21 -19.93 17.94 7.77
N GLN A 22 -19.09 18.14 6.76
CA GLN A 22 -18.95 17.12 5.74
C GLN A 22 -18.26 15.89 6.28
N CYS A 23 -17.66 16.03 7.44
CA CYS A 23 -17.04 14.84 8.03
C CYS A 23 -18.03 13.94 8.71
N CYS A 24 -19.21 14.42 9.06
CA CYS A 24 -20.11 13.64 9.93
C CYS A 24 -20.48 12.29 9.34
N VAL A 25 -20.72 12.26 8.05
CA VAL A 25 -21.10 11.02 7.40
C VAL A 25 -20.03 9.96 7.56
N TRP A 26 -18.78 10.40 7.66
CA TRP A 26 -17.69 9.46 7.72
C TRP A 26 -17.61 8.75 9.03
N PHE A 27 -18.17 9.29 10.10
CA PHE A 27 -18.17 8.51 11.33
C PHE A 27 -19.00 7.25 11.19
N ASP A 28 -20.10 7.31 10.44
CA ASP A 28 -20.89 6.12 10.26
C ASP A 28 -20.19 5.10 9.38
N VAL A 29 -19.51 5.62 8.37
CA VAL A 29 -18.70 4.78 7.51
C VAL A 29 -17.59 4.14 8.35
N LEU A 30 -16.95 4.90 9.24
CA LEU A 30 -15.92 4.35 10.13
C LEU A 30 -16.45 3.17 10.90
N ASP A 31 -17.60 3.36 11.52
CA ASP A 31 -18.13 2.29 12.36
C ASP A 31 -18.46 1.05 11.57
N ASP A 32 -19.05 1.28 10.41
CA ASP A 32 -19.40 0.16 9.56
C ASP A 32 -18.15 -0.58 9.12
N LEU A 33 -17.22 0.14 8.56
CA LEU A 33 -15.97 -0.49 8.13
C LEU A 33 -15.28 -1.22 9.27
N GLN A 34 -15.26 -0.63 10.45
CA GLN A 34 -14.48 -1.27 11.50
C GLN A 34 -15.14 -2.53 11.98
N THR A 35 -16.48 -2.49 12.03
CA THR A 35 -17.21 -3.67 12.47
C THR A 35 -17.20 -4.81 11.48
N ASN A 36 -17.41 -4.43 10.22
CA ASN A 36 -17.73 -5.39 9.19
C ASN A 36 -16.54 -5.58 8.29
N PHE A 37 -16.24 -4.60 7.43
CA PHE A 37 -15.12 -4.81 6.50
C PHE A 37 -13.82 -5.22 7.18
N TYR A 38 -13.57 -4.60 8.33
CA TYR A 38 -12.33 -4.89 9.06
C TYR A 38 -12.56 -5.89 10.17
N GLN A 39 -13.75 -6.42 10.36
CA GLN A 39 -14.03 -7.55 11.25
C GLN A 39 -13.55 -7.27 12.65
N GLY A 40 -13.86 -6.07 13.13
CA GLY A 40 -13.46 -5.64 14.43
C GLY A 40 -12.12 -4.94 14.47
N SER A 41 -11.97 -3.99 13.56
CA SER A 41 -10.80 -3.12 13.54
C SER A 41 -9.50 -3.86 13.39
N LYS A 42 -9.44 -4.94 12.66
CA LYS A 42 -8.23 -5.76 12.50
C LYS A 42 -7.42 -5.29 11.31
N CYS A 43 -6.16 -5.73 11.33
CA CYS A 43 -5.18 -5.50 10.32
C CYS A 43 -4.82 -6.80 9.62
N GLU A 44 -5.70 -7.22 8.74
CA GLU A 44 -5.58 -8.51 8.08
C GLU A 44 -5.82 -8.31 6.61
N SER A 45 -6.26 -9.33 5.89
CA SER A 45 -6.40 -9.28 4.46
C SER A 45 -7.23 -8.09 3.99
N PRO A 46 -8.35 -7.72 4.60
CA PRO A 46 -9.08 -6.57 4.02
C PRO A 46 -8.24 -5.31 3.92
N VAL A 47 -7.41 -4.98 4.92
CA VAL A 47 -6.60 -3.78 4.74
C VAL A 47 -5.66 -3.95 3.57
N ARG A 48 -5.07 -5.13 3.48
CA ARG A 48 -4.08 -5.35 2.42
C ARG A 48 -4.71 -5.27 1.04
N LYS A 49 -5.89 -5.84 0.93
CA LYS A 49 -6.62 -5.69 -0.34
C LYS A 49 -6.98 -4.23 -0.60
N ILE A 50 -7.38 -3.52 0.45
CA ILE A 50 -7.71 -2.11 0.24
C ILE A 50 -6.49 -1.33 -0.18
N LEU A 51 -5.31 -1.68 0.29
CA LEU A 51 -4.12 -0.94 -0.16
C LEU A 51 -3.85 -1.22 -1.62
N ARG A 52 -4.02 -2.43 -2.10
CA ARG A 52 -3.92 -2.65 -3.52
C ARG A 52 -4.95 -1.82 -4.26
N ILE A 53 -6.17 -1.78 -3.76
CA ILE A 53 -7.19 -1.03 -4.42
C ILE A 53 -6.94 0.45 -4.43
N VAL A 54 -6.37 1.02 -3.38
CA VAL A 54 -6.19 2.46 -3.39
C VAL A 54 -5.17 2.84 -4.42
N PHE A 55 -4.10 2.04 -4.49
CA PHE A 55 -3.08 2.26 -5.48
C PHE A 55 -3.64 2.05 -6.87
N HIS A 56 -4.34 0.95 -7.05
CA HIS A 56 -4.84 0.68 -8.39
C HIS A 56 -5.97 1.58 -8.81
N ASP A 57 -6.66 2.20 -7.86
CA ASP A 57 -7.60 3.22 -8.24
C ASP A 57 -6.85 4.47 -8.67
N ALA A 58 -5.93 4.91 -7.83
CA ALA A 58 -5.28 6.19 -8.05
C ALA A 58 -4.35 6.22 -9.25
N ILE A 59 -3.66 5.11 -9.47
CA ILE A 59 -2.61 5.11 -10.47
C ILE A 59 -3.19 5.08 -11.88
N GLY A 60 -4.49 4.93 -12.03
CA GLY A 60 -5.14 5.04 -13.33
C GLY A 60 -5.27 6.54 -13.63
N PHE A 61 -4.10 7.10 -13.92
CA PHE A 61 -3.95 8.54 -14.11
C PHE A 61 -2.71 8.69 -14.95
N SER A 62 -2.79 9.30 -16.11
CA SER A 62 -1.67 9.34 -17.01
C SER A 62 -1.64 10.64 -17.80
N PRO A 63 -0.92 11.62 -17.29
CA PRO A 63 -0.69 12.85 -18.06
C PRO A 63 -0.14 12.57 -19.46
N ALA A 64 0.66 11.50 -19.61
CA ALA A 64 1.16 11.23 -20.96
C ALA A 64 0.03 10.88 -21.89
N LEU A 65 -0.99 10.18 -21.44
CA LEU A 65 -2.09 9.86 -22.32
C LEU A 65 -2.84 11.16 -22.62
N THR A 66 -3.10 11.98 -21.60
CA THR A 66 -3.81 13.22 -21.85
C THR A 66 -3.05 14.06 -22.88
N ALA A 67 -1.73 14.07 -22.82
CA ALA A 67 -0.91 14.86 -23.73
C ALA A 67 -0.96 14.30 -25.14
N ALA A 68 -1.29 13.03 -25.27
CA ALA A 68 -1.37 12.30 -26.52
C ALA A 68 -2.81 12.23 -26.96
N GLY A 69 -3.60 13.21 -26.53
CA GLY A 69 -4.95 13.31 -27.03
C GLY A 69 -5.91 12.28 -26.53
N GLN A 70 -5.66 11.63 -25.43
CA GLN A 70 -6.44 10.48 -24.98
C GLN A 70 -6.86 10.69 -23.53
N PHE A 71 -7.94 10.06 -23.12
CA PHE A 71 -8.28 10.03 -21.74
C PHE A 71 -7.22 9.25 -20.98
N GLY A 72 -6.73 9.90 -19.93
CA GLY A 72 -5.64 9.28 -19.21
C GLY A 72 -6.04 8.64 -17.91
N GLY A 73 -7.33 8.76 -17.58
CA GLY A 73 -7.76 8.29 -16.28
C GLY A 73 -7.97 9.42 -15.29
N GLY A 74 -8.93 9.17 -14.40
CA GLY A 74 -9.29 10.17 -13.44
C GLY A 74 -8.69 10.01 -12.07
N GLY A 75 -7.69 9.13 -11.96
CA GLY A 75 -6.99 9.03 -10.69
C GLY A 75 -7.85 8.40 -9.62
N ALA A 76 -7.85 9.00 -8.45
CA ALA A 76 -8.47 8.49 -7.24
C ALA A 76 -9.97 8.68 -7.29
N ASP A 77 -10.58 8.24 -8.36
CA ASP A 77 -11.95 8.57 -8.72
C ASP A 77 -12.90 7.42 -8.43
N GLY A 78 -12.45 6.36 -7.81
CA GLY A 78 -13.31 5.23 -7.52
C GLY A 78 -13.64 4.41 -8.76
N SER A 79 -12.97 4.63 -9.88
CA SER A 79 -13.29 3.98 -11.12
C SER A 79 -13.11 2.46 -10.99
N ILE A 80 -12.21 2.04 -10.13
CA ILE A 80 -12.00 0.61 -9.96
C ILE A 80 -13.25 -0.07 -9.37
N ILE A 81 -14.06 0.69 -8.66
CA ILE A 81 -15.37 0.18 -8.21
C ILE A 81 -16.44 0.44 -9.24
N ALA A 82 -16.58 1.68 -9.68
CA ALA A 82 -17.65 2.03 -10.58
C ALA A 82 -17.59 1.32 -11.90
N HIS A 83 -16.40 1.05 -12.37
CA HIS A 83 -16.09 0.36 -13.58
C HIS A 83 -15.25 -0.88 -13.32
N SER A 84 -15.63 -1.57 -12.25
CA SER A 84 -14.93 -2.78 -11.89
C SER A 84 -15.01 -3.83 -13.00
N ASN A 85 -16.11 -3.85 -13.76
CA ASN A 85 -16.22 -4.78 -14.87
C ASN A 85 -15.02 -4.74 -15.80
N ILE A 86 -14.61 -3.53 -16.14
CA ILE A 86 -13.46 -3.25 -16.98
C ILE A 86 -12.17 -3.39 -16.22
N GLU A 87 -12.10 -2.72 -15.05
CA GLU A 87 -10.79 -2.64 -14.41
C GLU A 87 -10.38 -3.94 -13.76
N LEU A 88 -11.30 -4.77 -13.30
CA LEU A 88 -10.85 -5.97 -12.63
C LEU A 88 -10.43 -7.04 -13.62
N ALA A 89 -10.51 -6.72 -14.92
CA ALA A 89 -9.94 -7.57 -15.94
C ALA A 89 -8.48 -7.21 -16.16
N PHE A 90 -7.94 -6.15 -15.58
CA PHE A 90 -6.56 -5.79 -15.81
C PHE A 90 -5.68 -6.80 -15.06
N PRO A 91 -4.53 -7.12 -15.63
CA PRO A 91 -3.64 -8.13 -15.00
C PRO A 91 -3.41 -7.91 -13.52
N ALA A 92 -3.27 -6.65 -13.07
CA ALA A 92 -2.89 -6.39 -11.69
C ALA A 92 -4.07 -6.29 -10.77
N ASN A 93 -5.27 -6.50 -11.29
CA ASN A 93 -6.45 -6.28 -10.45
C ASN A 93 -7.18 -7.59 -10.09
N GLY A 94 -6.44 -8.69 -10.13
CA GLY A 94 -6.96 -9.97 -9.70
C GLY A 94 -7.04 -10.02 -8.18
N GLY A 95 -7.95 -10.85 -7.72
CA GLY A 95 -8.02 -11.03 -6.27
C GLY A 95 -8.59 -9.84 -5.55
N LEU A 96 -9.31 -8.99 -6.23
CA LEU A 96 -9.85 -7.80 -5.62
C LEU A 96 -11.35 -7.74 -5.66
N THR A 97 -12.01 -8.39 -6.58
CA THR A 97 -13.44 -8.27 -6.72
C THR A 97 -14.21 -8.45 -5.44
N ASP A 98 -13.81 -9.42 -4.60
CA ASP A 98 -14.62 -9.62 -3.42
C ASP A 98 -14.55 -8.43 -2.47
N THR A 99 -13.38 -7.79 -2.46
CA THR A 99 -13.18 -6.61 -1.65
C THR A 99 -13.89 -5.44 -2.29
N ILE A 100 -13.76 -5.33 -3.61
CA ILE A 100 -14.46 -4.25 -4.32
C ILE A 100 -15.95 -4.29 -4.09
N GLU A 101 -16.53 -5.48 -4.10
CA GLU A 101 -17.95 -5.55 -3.86
C GLU A 101 -18.32 -5.16 -2.46
N ALA A 102 -17.50 -5.51 -1.48
CA ALA A 102 -17.78 -5.06 -0.12
C ALA A 102 -17.78 -3.54 -0.08
N LEU A 103 -16.81 -2.94 -0.72
CA LEU A 103 -16.70 -1.49 -0.74
C LEU A 103 -17.86 -0.83 -1.47
N ARG A 104 -18.24 -1.45 -2.58
CA ARG A 104 -19.36 -0.95 -3.34
C ARG A 104 -20.56 -0.81 -2.43
N ALA A 105 -20.87 -1.88 -1.69
CA ALA A 105 -22.05 -1.83 -0.86
C ALA A 105 -21.94 -0.79 0.23
N VAL A 106 -20.77 -0.63 0.83
CA VAL A 106 -20.62 0.41 1.86
C VAL A 106 -20.83 1.80 1.27
N GLY A 107 -20.24 2.01 0.10
CA GLY A 107 -20.37 3.31 -0.54
C GLY A 107 -21.81 3.65 -0.86
N ILE A 108 -22.56 2.71 -1.43
CA ILE A 108 -23.93 2.97 -1.75
C ILE A 108 -24.75 3.16 -0.50
N ASN A 109 -24.49 2.36 0.53
CA ASN A 109 -25.30 2.40 1.73
C ASN A 109 -25.13 3.74 2.43
N HIS A 110 -23.91 4.25 2.47
CA HIS A 110 -23.69 5.49 3.21
C HIS A 110 -23.74 6.71 2.32
N GLY A 111 -23.84 6.48 1.04
CA GLY A 111 -23.97 7.60 0.13
C GLY A 111 -22.74 8.46 0.04
N VAL A 112 -21.58 7.84 -0.03
CA VAL A 112 -20.30 8.51 -0.20
C VAL A 112 -19.73 8.08 -1.56
N SER A 113 -18.87 8.96 -2.08
CA SER A 113 -18.32 8.61 -3.39
C SER A 113 -17.37 7.43 -3.27
N PHE A 114 -17.29 6.68 -4.35
CA PHE A 114 -16.41 5.54 -4.35
C PHE A 114 -14.96 5.98 -4.17
N GLY A 115 -14.57 7.08 -4.79
CA GLY A 115 -13.17 7.47 -4.66
C GLY A 115 -12.87 7.90 -3.25
N ASP A 116 -13.78 8.64 -2.62
CA ASP A 116 -13.56 9.00 -1.22
C ASP A 116 -13.54 7.76 -0.35
N LEU A 117 -14.44 6.83 -0.64
CA LEU A 117 -14.51 5.67 0.22
C LEU A 117 -13.22 4.86 0.20
N ILE A 118 -12.67 4.69 -0.99
CA ILE A 118 -11.41 3.93 -1.05
C ILE A 118 -10.36 4.60 -0.22
N GLN A 119 -10.26 5.94 -0.35
CA GLN A 119 -9.26 6.67 0.43
C GLN A 119 -9.54 6.56 1.91
N PHE A 120 -10.80 6.67 2.26
CA PHE A 120 -11.18 6.55 3.66
C PHE A 120 -10.84 5.20 4.21
N ALA A 121 -11.26 4.16 3.48
CA ALA A 121 -11.01 2.82 3.96
C ALA A 121 -9.52 2.57 4.07
N THR A 122 -8.74 3.20 3.24
CA THR A 122 -7.30 3.08 3.38
C THR A 122 -6.80 3.66 4.66
N ALA A 123 -7.27 4.88 4.95
CA ALA A 123 -6.81 5.52 6.15
C ALA A 123 -7.27 4.74 7.38
N VAL A 124 -8.51 4.29 7.35
CA VAL A 124 -9.05 3.51 8.46
C VAL A 124 -8.31 2.21 8.61
N GLY A 125 -8.07 1.53 7.51
CA GLY A 125 -7.41 0.25 7.60
C GLY A 125 -5.98 0.45 8.07
N MET A 126 -5.30 1.46 7.57
CA MET A 126 -3.96 1.68 8.10
C MET A 126 -4.00 1.87 9.60
N SER A 127 -5.02 2.56 10.07
CA SER A 127 -5.11 2.88 11.47
C SER A 127 -5.27 1.65 12.32
N ASN A 128 -5.58 0.50 11.74
CA ASN A 128 -5.70 -0.73 12.49
C ASN A 128 -4.39 -1.49 12.57
N CYS A 129 -3.38 -1.02 11.84
CA CYS A 129 -2.12 -1.74 11.72
C CYS A 129 -1.09 -1.06 12.59
N PRO A 130 -0.59 -1.75 13.61
CA PRO A 130 0.39 -1.18 14.49
C PRO A 130 1.52 -0.51 13.75
N GLY A 131 1.88 0.67 14.27
CA GLY A 131 2.96 1.43 13.70
C GLY A 131 2.57 2.33 12.56
N SER A 132 1.35 2.26 12.09
CA SER A 132 1.00 3.15 10.98
C SER A 132 1.00 4.61 11.38
N PRO A 133 1.34 5.47 10.42
CA PRO A 133 1.09 6.91 10.61
C PRO A 133 -0.42 7.12 10.49
N ARG A 134 -0.85 8.32 10.74
CA ARG A 134 -2.20 8.74 10.56
C ARG A 134 -2.33 9.30 9.16
N LEU A 135 -2.94 8.56 8.29
CA LEU A 135 -3.07 9.07 6.94
C LEU A 135 -4.11 10.18 6.95
N GLU A 136 -3.81 11.17 6.12
CA GLU A 136 -4.76 12.18 5.80
C GLU A 136 -6.01 11.56 5.18
N PHE A 137 -7.14 12.21 5.45
CA PHE A 137 -8.36 11.86 4.77
C PHE A 137 -9.10 13.13 4.36
N LEU A 138 -9.30 13.26 3.07
CA LEU A 138 -10.03 14.35 2.46
C LEU A 138 -11.30 13.81 1.84
N THR A 139 -12.35 14.57 1.93
CA THR A 139 -13.61 14.16 1.33
C THR A 139 -14.04 15.17 0.29
N GLY A 140 -14.77 14.71 -0.71
CA GLY A 140 -15.38 15.53 -1.71
C GLY A 140 -15.08 15.14 -3.14
N ARG A 141 -14.40 14.01 -3.35
CA ARG A 141 -14.17 13.63 -4.74
C ARG A 141 -15.48 13.24 -5.38
N SER A 142 -15.66 13.74 -6.58
CA SER A 142 -16.88 13.36 -7.30
C SER A 142 -17.00 11.85 -7.39
N ASN A 143 -18.20 11.34 -7.33
CA ASN A 143 -18.44 9.92 -7.57
C ASN A 143 -18.43 9.52 -9.03
N SER A 144 -18.37 10.50 -9.90
CA SER A 144 -18.37 10.28 -11.34
C SER A 144 -16.99 9.80 -11.76
N SER A 145 -16.94 8.76 -12.55
CA SER A 145 -15.67 8.31 -13.13
C SER A 145 -15.92 7.67 -14.49
N GLN A 146 -14.86 7.64 -15.28
CA GLN A 146 -14.75 6.87 -16.49
C GLN A 146 -13.81 5.72 -16.17
N PRO A 147 -13.84 4.64 -16.94
CA PRO A 147 -12.93 3.55 -16.65
C PRO A 147 -11.49 4.00 -16.82
N SER A 148 -10.63 3.56 -15.91
CA SER A 148 -9.22 3.72 -16.16
C SER A 148 -8.81 3.15 -17.52
N PRO A 149 -7.93 3.82 -18.21
CA PRO A 149 -7.25 3.18 -19.32
C PRO A 149 -6.55 1.93 -18.80
N PRO A 150 -6.34 1.00 -19.70
CA PRO A 150 -5.56 -0.19 -19.34
C PRO A 150 -4.09 0.14 -19.26
N SER A 151 -3.34 -0.80 -18.72
CA SER A 151 -1.89 -0.79 -18.78
C SER A 151 -1.27 0.33 -17.98
N LEU A 152 -1.97 0.82 -16.94
CA LEU A 152 -1.39 1.87 -16.13
C LEU A 152 -0.90 1.40 -14.78
N ILE A 153 -1.12 0.15 -14.41
CA ILE A 153 -0.67 -0.32 -13.13
C ILE A 153 0.63 -1.05 -13.25
N PRO A 154 1.68 -0.60 -12.59
CA PRO A 154 2.95 -1.31 -12.59
C PRO A 154 2.77 -2.77 -12.19
N GLY A 155 3.47 -3.67 -12.87
CA GLY A 155 3.40 -5.08 -12.56
C GLY A 155 4.75 -5.58 -12.06
N PRO A 156 4.68 -6.71 -11.37
CA PRO A 156 5.85 -7.21 -10.65
C PRO A 156 6.96 -7.73 -11.54
N GLY A 157 6.67 -7.95 -12.81
CA GLY A 157 7.64 -8.36 -13.83
C GLY A 157 8.14 -7.15 -14.58
N ASN A 158 7.69 -5.93 -14.25
CA ASN A 158 8.22 -4.78 -14.95
C ASN A 158 9.63 -4.43 -14.51
N THR A 159 10.42 -3.89 -15.45
CA THR A 159 11.71 -3.42 -15.06
C THR A 159 11.56 -2.19 -14.19
N VAL A 160 12.61 -1.84 -13.48
CA VAL A 160 12.61 -0.61 -12.71
C VAL A 160 12.40 0.57 -13.61
N THR A 161 13.03 0.61 -14.79
CA THR A 161 12.82 1.70 -15.72
C THR A 161 11.35 1.85 -16.03
N ALA A 162 10.68 0.74 -16.30
CA ALA A 162 9.25 0.78 -16.63
C ALA A 162 8.42 1.29 -15.46
N ILE A 163 8.73 0.77 -14.28
CA ILE A 163 8.00 1.17 -13.09
C ILE A 163 8.18 2.64 -12.82
N LEU A 164 9.43 3.10 -12.89
CA LEU A 164 9.68 4.51 -12.58
C LEU A 164 9.06 5.36 -13.65
N ASP A 165 9.07 4.88 -14.89
CA ASP A 165 8.48 5.71 -15.94
C ASP A 165 6.99 5.84 -15.72
N ARG A 166 6.32 4.73 -15.40
CA ARG A 166 4.88 4.77 -15.23
C ARG A 166 4.54 5.61 -14.01
N MET A 167 5.22 5.30 -12.89
CA MET A 167 4.94 6.02 -11.66
C MET A 167 5.29 7.48 -11.87
N GLY A 168 6.36 7.75 -12.60
CA GLY A 168 6.74 9.12 -12.87
C GLY A 168 5.70 9.90 -13.65
N ASP A 169 5.14 9.26 -14.66
CA ASP A 169 4.08 9.86 -15.45
C ASP A 169 2.95 10.24 -14.51
N ALA A 170 2.53 9.29 -13.66
CA ALA A 170 1.45 9.56 -12.72
C ALA A 170 1.78 10.73 -11.82
N GLY A 171 3.06 10.93 -11.57
CA GLY A 171 3.49 12.11 -10.80
C GLY A 171 4.51 11.81 -9.75
N PHE A 172 4.96 10.59 -9.57
CA PHE A 172 5.83 10.23 -8.46
C PHE A 172 7.29 10.19 -8.87
N SER A 173 8.11 10.76 -8.02
CA SER A 173 9.55 10.62 -8.19
C SER A 173 10.02 9.24 -7.76
N PRO A 174 11.21 8.81 -8.11
CA PRO A 174 11.71 7.51 -7.64
C PRO A 174 11.63 7.38 -6.12
N ASP A 175 12.01 8.42 -5.40
CA ASP A 175 11.91 8.36 -3.95
C ASP A 175 10.50 8.03 -3.50
N GLU A 176 9.52 8.68 -4.12
CA GLU A 176 8.15 8.45 -3.74
C GLU A 176 7.63 7.08 -4.10
N VAL A 177 8.18 6.50 -5.14
CA VAL A 177 7.84 5.13 -5.44
C VAL A 177 8.27 4.25 -4.27
N VAL A 178 9.51 4.48 -3.81
CA VAL A 178 10.03 3.72 -2.71
C VAL A 178 9.17 3.96 -1.49
N ASP A 179 8.80 5.22 -1.29
CA ASP A 179 8.01 5.56 -0.10
C ASP A 179 6.66 4.87 -0.13
N LEU A 180 6.00 4.87 -1.28
CA LEU A 180 4.70 4.25 -1.40
C LEU A 180 4.78 2.74 -1.13
N LEU A 181 5.91 2.16 -1.49
CA LEU A 181 6.08 0.72 -1.31
C LEU A 181 6.22 0.36 0.14
N ALA A 182 6.20 1.28 1.06
CA ALA A 182 6.10 0.91 2.47
C ALA A 182 4.83 0.09 2.68
N ALA A 183 3.82 0.20 1.85
CA ALA A 183 2.64 -0.63 1.98
C ALA A 183 2.99 -2.11 1.86
N HIS A 184 4.07 -2.48 1.23
CA HIS A 184 4.46 -3.87 1.18
C HIS A 184 4.97 -4.36 2.53
N SER A 185 5.05 -3.47 3.50
CA SER A 185 5.20 -3.90 4.90
C SER A 185 3.96 -4.54 5.47
N LEU A 186 2.83 -4.44 4.80
CA LEU A 186 1.58 -5.00 5.28
C LEU A 186 1.04 -5.83 4.14
N ALA A 187 1.75 -6.90 3.78
CA ALA A 187 1.51 -7.46 2.48
C ALA A 187 1.81 -8.95 2.38
N SER A 188 1.06 -9.56 1.48
CA SER A 188 1.27 -10.93 1.03
C SER A 188 0.95 -11.00 -0.45
N GLN A 189 1.17 -12.18 -1.03
CA GLN A 189 0.57 -12.44 -2.33
C GLN A 189 -0.40 -13.59 -2.22
N GLU A 190 -1.39 -13.57 -3.06
CA GLU A 190 -2.27 -14.67 -3.27
C GLU A 190 -2.29 -15.13 -4.72
N GLY A 191 -1.97 -14.26 -5.68
CA GLY A 191 -2.20 -14.53 -7.06
C GLY A 191 -0.96 -14.86 -7.84
N LEU A 192 0.22 -14.69 -7.26
CA LEU A 192 1.46 -14.97 -7.96
C LEU A 192 1.87 -16.41 -7.84
N ASN A 193 1.66 -16.98 -6.66
CA ASN A 193 2.05 -18.38 -6.43
C ASN A 193 0.95 -18.96 -5.54
N SER A 194 0.08 -19.71 -6.18
CA SER A 194 -1.13 -20.26 -5.62
C SER A 194 -0.78 -21.31 -4.59
N ALA A 195 0.47 -21.77 -4.59
CA ALA A 195 0.87 -22.84 -3.69
C ALA A 195 1.22 -22.34 -2.30
N ILE A 196 1.47 -21.04 -2.18
CA ILE A 196 1.80 -20.47 -0.87
C ILE A 196 0.95 -19.21 -0.69
N PHE A 197 -0.34 -19.44 -0.58
CA PHE A 197 -1.32 -18.37 -0.48
C PHE A 197 -1.03 -17.53 0.74
N ARG A 198 -1.03 -16.21 0.57
CA ARG A 198 -0.83 -15.23 1.62
C ARG A 198 0.55 -15.35 2.22
N SER A 199 1.52 -15.82 1.44
CA SER A 199 2.90 -15.72 1.84
C SER A 199 3.27 -14.26 2.02
N PRO A 200 3.70 -13.82 3.19
CA PRO A 200 3.99 -12.39 3.37
C PRO A 200 5.22 -11.93 2.62
N LEU A 201 5.21 -10.62 2.34
CA LEU A 201 6.35 -9.93 1.75
C LEU A 201 7.34 -9.48 2.78
N ASP A 202 6.94 -9.39 4.02
CA ASP A 202 7.89 -9.14 5.09
C ASP A 202 7.45 -9.97 6.29
N SER A 203 8.31 -10.08 7.28
CA SER A 203 8.07 -10.95 8.41
C SER A 203 6.99 -10.43 9.34
N THR A 204 6.52 -9.22 9.12
CA THR A 204 5.53 -8.62 9.99
C THR A 204 4.41 -8.03 9.17
N PRO A 205 3.61 -8.86 8.50
CA PRO A 205 2.60 -8.30 7.62
C PRO A 205 1.46 -7.66 8.38
N GLN A 206 1.48 -7.70 9.69
CA GLN A 206 0.50 -6.95 10.46
C GLN A 206 1.15 -5.83 11.23
N VAL A 207 2.38 -5.44 10.89
CA VAL A 207 2.99 -4.29 11.52
C VAL A 207 3.56 -3.41 10.42
N PHE A 208 3.19 -2.16 10.46
CA PHE A 208 3.66 -1.18 9.51
C PHE A 208 5.01 -0.70 9.99
N ASP A 209 6.04 -1.34 9.49
CA ASP A 209 7.42 -1.19 9.96
C ASP A 209 8.37 -1.31 8.79
N THR A 210 9.67 -1.20 9.11
CA THR A 210 10.65 -1.18 8.06
C THR A 210 11.09 -2.56 7.63
N GLN A 211 10.49 -3.64 8.17
CA GLN A 211 11.00 -4.96 7.88
C GLN A 211 11.01 -5.24 6.38
N PHE A 212 10.00 -4.76 5.66
CA PHE A 212 10.00 -5.00 4.21
C PHE A 212 11.27 -4.50 3.56
N TYR A 213 11.74 -3.34 3.93
CA TYR A 213 12.90 -2.76 3.27
C TYR A 213 14.15 -3.53 3.64
N ILE A 214 14.22 -3.94 4.90
CA ILE A 214 15.34 -4.77 5.32
C ILE A 214 15.37 -6.10 4.61
N GLU A 215 14.21 -6.76 4.62
CA GLU A 215 14.25 -8.15 4.20
C GLU A 215 14.36 -8.33 2.70
N THR A 216 13.88 -7.37 1.94
CA THR A 216 14.02 -7.44 0.50
C THR A 216 15.47 -7.29 0.10
N LEU A 217 16.28 -6.67 0.95
CA LEU A 217 17.68 -6.54 0.68
C LEU A 217 18.54 -7.73 1.06
N LEU A 218 17.98 -8.69 1.75
CA LEU A 218 18.72 -9.88 2.09
C LEU A 218 18.92 -10.71 0.84
N LYS A 219 20.04 -11.39 0.83
CA LYS A 219 20.34 -12.33 -0.24
C LYS A 219 19.18 -13.30 -0.42
N GLY A 220 18.75 -13.48 -1.68
CA GLY A 220 17.73 -14.47 -1.98
C GLY A 220 18.30 -15.85 -1.87
N THR A 221 17.76 -16.62 -0.93
CA THR A 221 18.30 -17.97 -0.77
C THR A 221 17.26 -19.09 -0.85
N THR A 222 16.00 -18.74 -0.70
CA THR A 222 14.93 -19.64 -0.34
C THR A 222 13.85 -19.58 -1.40
N GLN A 223 13.43 -20.75 -1.82
CA GLN A 223 12.22 -20.85 -2.61
C GLN A 223 11.10 -21.27 -1.67
N PRO A 224 10.21 -20.34 -1.35
CA PRO A 224 9.19 -20.68 -0.36
C PRO A 224 8.17 -21.68 -0.88
N GLY A 225 7.89 -21.85 -2.15
CA GLY A 225 6.91 -22.79 -2.60
C GLY A 225 7.56 -23.88 -3.41
N PRO A 226 6.78 -24.86 -3.84
CA PRO A 226 7.34 -25.99 -4.59
C PRO A 226 7.81 -25.63 -5.99
N SER A 227 7.37 -24.49 -6.49
CA SER A 227 7.81 -23.96 -7.77
C SER A 227 7.66 -22.45 -7.66
N LEU A 228 8.09 -21.76 -8.70
CA LEU A 228 8.00 -20.31 -8.72
C LEU A 228 6.69 -19.84 -9.36
N GLY A 229 6.18 -18.76 -8.80
CA GLY A 229 4.99 -18.18 -9.42
C GLY A 229 5.45 -17.06 -10.31
N PHE A 230 4.47 -16.28 -10.73
CA PHE A 230 4.76 -15.22 -11.64
C PHE A 230 5.55 -14.14 -10.94
N ALA A 231 6.66 -13.73 -11.52
CA ALA A 231 7.47 -12.63 -11.06
C ALA A 231 8.02 -12.85 -9.67
N GLU A 232 8.19 -14.14 -9.38
CA GLU A 232 8.75 -14.54 -8.11
C GLU A 232 10.25 -14.72 -8.16
N GLU A 233 10.91 -14.28 -7.10
CA GLU A 233 12.34 -14.40 -6.90
C GLU A 233 12.61 -15.16 -5.62
N LEU A 234 13.81 -15.65 -5.44
CA LEU A 234 14.15 -16.29 -4.19
C LEU A 234 14.01 -15.27 -3.07
N SER A 235 13.55 -15.75 -1.92
CA SER A 235 13.35 -14.92 -0.74
C SER A 235 14.37 -15.26 0.30
N PRO A 236 14.40 -14.55 1.43
CA PRO A 236 15.48 -14.92 2.35
C PRO A 236 15.10 -15.95 3.40
N PHE A 237 13.84 -16.35 3.47
CA PHE A 237 13.55 -17.43 4.40
C PHE A 237 12.20 -18.04 4.09
N PRO A 238 11.98 -19.26 4.55
CA PRO A 238 10.72 -19.95 4.28
C PRO A 238 9.51 -19.08 4.65
N GLY A 239 8.51 -19.24 3.80
CA GLY A 239 7.30 -18.52 4.04
C GLY A 239 7.25 -17.13 3.49
N GLU A 240 8.37 -16.47 3.25
CA GLU A 240 8.42 -15.12 2.70
C GLU A 240 8.51 -15.21 1.18
N PHE A 241 7.70 -14.40 0.51
CA PHE A 241 7.67 -14.26 -0.91
C PHE A 241 8.40 -12.98 -1.27
N ARG A 242 9.14 -13.07 -2.38
CA ARG A 242 9.79 -11.89 -2.91
C ARG A 242 9.40 -11.72 -4.36
N MET A 243 8.82 -10.58 -4.70
CA MET A 243 8.46 -10.34 -6.09
C MET A 243 9.62 -9.63 -6.72
N ARG A 244 9.72 -9.84 -8.03
CA ARG A 244 10.87 -9.34 -8.77
C ARG A 244 11.00 -7.83 -8.70
N SER A 245 9.90 -7.12 -8.88
CA SER A 245 9.98 -5.66 -8.85
C SER A 245 10.57 -5.19 -7.52
N ASP A 246 10.16 -5.72 -6.39
CA ASP A 246 10.68 -5.29 -5.11
C ASP A 246 12.16 -5.62 -5.02
N ALA A 247 12.52 -6.80 -5.49
CA ALA A 247 13.92 -7.18 -5.44
C ALA A 247 14.80 -6.20 -6.20
N LEU A 248 14.31 -5.85 -7.38
CA LEU A 248 15.03 -5.00 -8.28
C LEU A 248 15.10 -3.57 -7.74
N LEU A 249 13.97 -3.09 -7.21
CA LEU A 249 13.94 -1.74 -6.71
C LEU A 249 14.84 -1.56 -5.51
N ALA A 250 14.92 -2.61 -4.69
CA ALA A 250 15.80 -2.52 -3.53
C ALA A 250 17.25 -2.31 -3.95
N ARG A 251 17.61 -2.83 -5.11
CA ARG A 251 18.97 -2.90 -5.54
C ARG A 251 19.33 -1.92 -6.63
N ASP A 252 18.35 -1.33 -7.27
CA ASP A 252 18.63 -0.46 -8.40
C ASP A 252 19.22 0.83 -7.94
N SER A 253 20.26 1.32 -8.65
CA SER A 253 20.90 2.54 -8.22
C SER A 253 19.94 3.69 -8.13
N ARG A 254 18.82 3.67 -8.81
CA ARG A 254 17.92 4.80 -8.77
C ARG A 254 17.03 4.83 -7.55
N THR A 255 16.91 3.71 -6.87
CA THR A 255 16.03 3.60 -5.74
C THR A 255 16.68 3.07 -4.49
N ALA A 256 17.91 2.55 -4.59
CA ALA A 256 18.49 1.84 -3.50
C ALA A 256 18.83 2.70 -2.32
N CYS A 257 19.22 3.96 -2.52
CA CYS A 257 19.53 4.74 -1.32
C CYS A 257 18.27 5.07 -0.55
N ARG A 258 17.20 5.45 -1.21
CA ARG A 258 15.96 5.67 -0.47
C ARG A 258 15.51 4.40 0.24
N TRP A 259 15.60 3.31 -0.48
CA TRP A 259 15.20 2.03 0.11
C TRP A 259 15.99 1.72 1.37
N GLN A 260 17.31 1.89 1.29
CA GLN A 260 18.17 1.65 2.44
C GLN A 260 17.83 2.63 3.56
N SER A 261 17.52 3.88 3.26
CA SER A 261 17.24 4.85 4.31
C SER A 261 15.95 4.55 5.04
N MET A 262 15.11 3.68 4.46
CA MET A 262 13.89 3.31 5.15
C MET A 262 14.17 2.36 6.29
N THR A 263 15.25 1.62 6.20
CA THR A 263 15.38 0.44 7.01
C THR A 263 15.42 0.67 8.51
N SER A 264 15.99 1.77 8.99
CA SER A 264 16.21 1.90 10.44
C SER A 264 15.19 2.75 11.17
N SER A 265 14.31 3.45 10.46
CA SER A 265 13.44 4.38 11.14
C SER A 265 12.00 4.21 10.69
N ASN A 266 11.21 3.55 11.54
CA ASN A 266 9.78 3.45 11.29
C ASN A 266 9.15 4.84 11.21
N GLU A 267 9.66 5.78 12.01
CA GLU A 267 9.04 7.08 12.07
C GLU A 267 9.30 7.86 10.79
N VAL A 268 10.51 7.84 10.24
CA VAL A 268 10.71 8.51 8.94
C VAL A 268 9.93 7.78 7.87
N MET A 269 9.89 6.45 7.92
CA MET A 269 9.16 5.71 6.90
C MET A 269 7.70 6.11 6.90
N GLY A 270 7.11 6.24 8.09
CA GLY A 270 5.72 6.58 8.18
C GLY A 270 5.44 7.98 7.65
N GLN A 271 6.34 8.92 7.92
CA GLN A 271 6.12 10.27 7.42
C GLN A 271 6.15 10.30 5.91
N ARG A 272 7.14 9.61 5.39
CA ARG A 272 7.30 9.57 3.96
C ARG A 272 6.13 8.90 3.29
N TYR A 273 5.69 7.79 3.85
CA TYR A 273 4.52 7.10 3.32
C TYR A 273 3.28 7.97 3.40
N ARG A 274 3.11 8.63 4.56
CA ARG A 274 1.93 9.48 4.68
C ARG A 274 1.91 10.53 3.62
N ALA A 275 3.08 11.12 3.36
CA ALA A 275 3.14 12.19 2.38
C ALA A 275 2.84 11.68 0.97
N ALA A 276 3.42 10.56 0.64
CA ALA A 276 3.26 9.97 -0.69
C ALA A 276 1.82 9.54 -0.88
N MET A 277 1.23 8.97 0.15
CA MET A 277 -0.15 8.54 0.06
C MET A 277 -1.08 9.74 -0.08
N ALA A 278 -0.76 10.84 0.59
CA ALA A 278 -1.56 12.06 0.43
C ALA A 278 -1.52 12.53 -1.00
N LYS A 279 -0.34 12.49 -1.59
CA LYS A 279 -0.20 12.87 -2.97
C LYS A 279 -0.98 11.94 -3.86
N MET A 280 -0.89 10.64 -3.62
CA MET A 280 -1.58 9.69 -4.49
C MET A 280 -3.08 9.86 -4.35
N SER A 281 -3.52 10.26 -3.17
CA SER A 281 -4.94 10.30 -2.87
C SER A 281 -5.69 11.33 -3.65
N VAL A 282 -4.97 12.25 -4.28
CA VAL A 282 -5.63 13.33 -4.98
C VAL A 282 -5.16 13.39 -6.44
N LEU A 283 -4.59 12.30 -6.92
CA LEU A 283 -4.40 12.27 -8.37
C LEU A 283 -5.77 12.38 -9.02
N GLY A 284 -5.93 13.32 -9.91
CA GLY A 284 -7.14 13.63 -10.62
C GLY A 284 -7.98 14.69 -9.95
N PHE A 285 -7.52 15.24 -8.84
CA PHE A 285 -8.28 16.17 -8.02
C PHE A 285 -7.41 17.30 -7.50
N ASP A 286 -8.09 18.38 -7.19
CA ASP A 286 -7.47 19.51 -6.50
C ASP A 286 -7.68 19.34 -5.02
N ARG A 287 -6.64 19.05 -4.24
CA ARG A 287 -6.89 18.86 -2.82
C ARG A 287 -7.50 20.10 -2.18
N ASN A 288 -7.25 21.26 -2.75
CA ASN A 288 -7.85 22.46 -2.17
C ASN A 288 -9.35 22.55 -2.34
N ALA A 289 -9.92 21.71 -3.16
CA ALA A 289 -11.34 21.67 -3.41
C ALA A 289 -11.99 20.63 -2.49
N LEU A 290 -11.21 19.88 -1.77
CA LEU A 290 -11.70 18.84 -0.87
C LEU A 290 -11.72 19.32 0.57
N THR A 291 -12.40 18.57 1.42
CA THR A 291 -12.56 19.00 2.81
C THR A 291 -11.72 18.06 3.64
N ASP A 292 -10.92 18.58 4.55
CA ASP A 292 -10.05 17.73 5.38
C ASP A 292 -10.84 17.14 6.53
N CYS A 293 -11.05 15.84 6.49
CA CYS A 293 -11.73 15.11 7.57
C CYS A 293 -10.77 14.15 8.22
N SER A 294 -9.50 14.53 8.23
CA SER A 294 -8.48 13.67 8.82
C SER A 294 -8.73 13.35 10.30
N ASP A 295 -9.48 14.22 10.98
CA ASP A 295 -9.73 13.93 12.39
C ASP A 295 -10.65 12.76 12.65
N VAL A 296 -11.29 12.29 11.60
CA VAL A 296 -12.12 11.10 11.70
C VAL A 296 -11.19 9.88 11.86
N ILE A 297 -9.93 9.98 11.41
CA ILE A 297 -9.01 8.85 11.39
C ILE A 297 -8.29 8.84 12.73
N PRO A 298 -8.43 7.78 13.46
CA PRO A 298 -7.71 7.72 14.74
C PRO A 298 -6.27 7.30 14.54
N SER A 299 -5.55 7.50 15.65
CA SER A 299 -4.19 6.99 15.56
C SER A 299 -4.26 5.48 15.80
N ALA A 300 -3.31 4.86 15.16
CA ALA A 300 -3.01 3.47 15.28
C ALA A 300 -2.30 3.21 16.61
N VAL A 301 -2.44 2.00 17.09
CA VAL A 301 -1.59 1.61 18.19
C VAL A 301 -0.15 1.66 17.76
N SER A 302 0.70 2.15 18.66
CA SER A 302 2.07 2.28 18.36
C SER A 302 2.72 0.89 18.29
N ASN A 303 3.73 0.85 17.44
CA ASN A 303 4.58 -0.34 17.33
C ASN A 303 5.83 -0.16 18.15
N ASN A 304 6.09 -0.96 19.16
CA ASN A 304 7.27 -0.80 20.01
C ASN A 304 8.41 -1.71 19.61
N ALA A 305 8.22 -2.51 18.52
CA ALA A 305 9.29 -3.43 18.12
C ALA A 305 10.37 -2.68 17.34
N ALA A 306 11.62 -3.06 17.51
CA ALA A 306 12.77 -2.47 16.82
C ALA A 306 13.00 -3.14 15.50
N PRO A 307 13.43 -2.40 14.49
CA PRO A 307 13.90 -3.03 13.26
C PRO A 307 14.91 -4.13 13.55
N VAL A 308 14.78 -5.21 12.78
CA VAL A 308 15.72 -6.31 13.01
C VAL A 308 16.05 -7.02 11.72
N ILE A 309 17.24 -7.58 11.67
CA ILE A 309 17.59 -8.51 10.61
C ILE A 309 17.17 -9.89 11.14
N PRO A 310 16.21 -10.55 10.55
CA PRO A 310 15.75 -11.79 11.17
C PRO A 310 16.71 -12.97 11.04
N GLY A 311 16.50 -13.92 11.93
CA GLY A 311 16.85 -15.28 11.75
C GLY A 311 18.30 -15.67 11.78
N GLY A 312 19.10 -14.87 12.46
CA GLY A 312 20.52 -15.13 12.52
C GLY A 312 21.25 -14.63 11.31
N LEU A 313 20.56 -14.07 10.34
CA LEU A 313 21.20 -13.35 9.25
C LEU A 313 21.86 -12.11 9.83
N THR A 314 22.83 -11.61 9.07
CA THR A 314 23.53 -10.43 9.51
C THR A 314 23.61 -9.43 8.37
N VAL A 315 24.29 -8.32 8.59
CA VAL A 315 24.49 -7.32 7.56
C VAL A 315 25.25 -7.93 6.41
N ASP A 316 26.00 -9.02 6.65
CA ASP A 316 26.70 -9.67 5.56
C ASP A 316 25.72 -10.29 4.58
N ASP A 317 24.49 -10.56 5.03
CA ASP A 317 23.46 -11.11 4.12
C ASP A 317 22.67 -10.06 3.39
N ILE A 318 22.93 -8.79 3.75
CA ILE A 318 22.28 -7.67 3.09
C ILE A 318 23.13 -7.36 1.89
N GLU A 319 22.45 -7.27 0.74
CA GLU A 319 23.15 -6.79 -0.43
C GLU A 319 23.07 -5.28 -0.44
N VAL A 320 24.03 -4.66 0.25
CA VAL A 320 24.00 -3.20 0.41
C VAL A 320 24.10 -2.60 -0.97
N SER A 321 23.13 -1.77 -1.35
CA SER A 321 23.00 -1.31 -2.71
C SER A 321 23.05 0.20 -2.88
N CYS A 322 23.19 0.91 -1.79
CA CYS A 322 23.40 2.32 -1.80
C CYS A 322 24.90 2.55 -1.60
N PRO A 323 25.57 2.90 -2.69
CA PRO A 323 27.01 2.85 -2.65
C PRO A 323 27.65 3.96 -1.81
N SER A 324 26.88 4.96 -1.41
CA SER A 324 27.46 6.09 -0.68
C SER A 324 27.14 6.11 0.80
N GLU A 325 26.39 5.14 1.30
CA GLU A 325 25.92 5.20 2.66
C GLU A 325 26.10 3.86 3.33
N PRO A 326 26.66 3.86 4.51
CA PRO A 326 26.81 2.56 5.19
C PRO A 326 25.43 2.05 5.54
N PHE A 327 25.30 0.73 5.56
CA PHE A 327 24.04 0.13 5.98
C PHE A 327 23.78 0.49 7.44
N PRO A 328 22.59 0.91 7.83
CA PRO A 328 22.33 1.29 9.23
C PRO A 328 22.58 0.13 10.18
N GLU A 329 22.97 0.45 11.41
CA GLU A 329 23.16 -0.52 12.49
C GLU A 329 21.77 -1.05 12.85
N ILE A 330 21.47 -2.27 12.42
CA ILE A 330 20.18 -2.89 12.64
C ILE A 330 20.41 -4.16 13.44
N ALA A 331 19.62 -4.32 14.51
CA ALA A 331 19.89 -5.44 15.40
C ALA A 331 19.65 -6.75 14.67
N THR A 332 20.39 -7.79 15.07
CA THR A 332 20.18 -9.11 14.51
C THR A 332 19.39 -9.89 15.55
N ALA A 333 19.11 -11.14 15.20
CA ALA A 333 18.31 -11.96 16.08
C ALA A 333 19.04 -13.27 16.22
N SER A 334 18.41 -14.14 16.99
CA SER A 334 18.98 -15.49 17.10
C SER A 334 18.60 -16.29 15.88
N GLY A 335 19.41 -17.24 15.40
CA GLY A 335 18.81 -18.11 14.36
C GLY A 335 17.85 -19.03 15.09
N PRO A 336 17.25 -20.01 14.42
CA PRO A 336 17.46 -20.19 12.99
C PRO A 336 16.56 -19.22 12.24
N LEU A 337 16.59 -19.38 10.93
CA LEU A 337 15.77 -18.60 10.04
C LEU A 337 14.31 -18.83 10.48
N PRO A 338 13.50 -17.82 10.38
CA PRO A 338 12.08 -18.00 10.68
C PRO A 338 11.42 -18.68 9.49
N SER A 339 10.23 -19.18 9.70
CA SER A 339 9.33 -19.58 8.64
C SER A 339 8.07 -18.75 8.81
N LEU A 340 7.77 -17.92 7.83
CA LEU A 340 6.61 -17.04 8.02
C LEU A 340 5.31 -17.81 7.82
N ALA A 341 4.45 -17.67 8.80
CA ALA A 341 3.08 -18.13 8.63
C ALA A 341 2.42 -17.28 7.56
N PRO A 342 1.38 -17.79 6.91
CA PRO A 342 0.62 -16.96 5.97
C PRO A 342 0.08 -15.76 6.69
N ALA A 343 0.06 -14.65 5.97
CA ALA A 343 -0.52 -13.44 6.54
C ALA A 343 -1.96 -13.73 6.86
N PRO A 344 -2.51 -13.26 7.97
CA PRO A 344 -3.93 -13.57 8.28
C PRO A 344 -4.90 -12.94 7.31
#